data_7P85
#
_entry.id   7P85
#
_cell.length_a   69.298
_cell.length_b   69.298
_cell.length_c   186.926
_cell.angle_alpha   90.000
_cell.angle_beta   90.000
_cell.angle_gamma   90.000
#
_symmetry.space_group_name_H-M   'P 43 21 2'
#
loop_
_entity.id
_entity.type
_entity.pdbx_description
1 polymer 'Parathion hydrolase'
2 non-polymer ethyl-4-methylbenzylphosphonate
3 non-polymer 'FORMIC ACID'
4 non-polymer 'ZINC ION'
5 non-polymer 'SULFATE ION'
6 non-polymer GLYCEROL
7 water water
#
_entity_poly.entity_id   1
_entity_poly.type   'polypeptide(L)'
_entity_poly.pdbx_seq_one_letter_code
;ASRGSHHHHHHGASIGTGDRINTVRGPITISEAGFTLTHEHIVGSSAGFLRAWPEFFGSRAALMEKAVRGLRRARAAGVR
TIVDVSTFDIGRDVSLLAEVSEAADVHIVAATGLWEDPPLSMRLRSVEELTQFFLREIQYGIEDTGIRAGIIKVATNGKA
TPFQELVLRAAARASLATGVPVTTHTDASQRDGEQQAAIFESEGLDPSRVVIGHSDGTDDLDYLTALAARGYLIGLDGIP
HSAIGLEDNASASSWLGNRSWQTRALLIKALIDQGYVKQILVSNDWLFGFSSWVTNIMDVMDSVNPDGMAFIPLRVIPFL
REKGVSQETLATITVENPARFLSPTLRA
;
_entity_poly.pdbx_strand_id   A
#
loop_
_chem_comp.id
_chem_comp.type
_chem_comp.name
_chem_comp.formula
5ZG non-polymer ethyl-4-methylbenzylphosphonate 'C10 H15 O3 P'
FMT non-polymer 'FORMIC ACID' 'C H2 O2'
GOL non-polymer GLYCEROL 'C3 H8 O3'
SO4 non-polymer 'SULFATE ION' 'O4 S -2'
ZN non-polymer 'ZINC ION' 'Zn 2'
#
# COMPACT_ATOMS: atom_id res chain seq x y z
N SER A 14 2.08 3.57 -25.90
CA SER A 14 3.19 3.04 -25.05
C SER A 14 4.05 4.17 -24.50
N ILE A 15 3.88 5.43 -24.93
CA ILE A 15 4.54 6.59 -24.23
C ILE A 15 3.43 7.50 -23.71
N GLY A 16 3.36 7.68 -22.39
CA GLY A 16 2.31 8.52 -21.78
C GLY A 16 1.54 7.73 -20.74
N THR A 17 1.20 8.39 -19.63
CA THR A 17 0.34 7.73 -18.62
C THR A 17 -1.10 7.59 -19.18
N GLY A 18 -1.70 8.64 -19.77
CA GLY A 18 -3.13 8.51 -20.18
C GLY A 18 -4.02 8.03 -19.03
N ASP A 19 -5.01 7.13 -19.28
CA ASP A 19 -6.19 6.91 -18.37
C ASP A 19 -6.32 5.45 -17.82
N ARG A 20 -5.59 4.53 -18.42
CA ARG A 20 -5.61 3.11 -17.96
C ARG A 20 -4.69 3.04 -16.73
N ILE A 21 -4.66 1.89 -16.06
CA ILE A 21 -3.83 1.70 -14.83
C ILE A 21 -2.62 0.86 -15.18
N ASN A 22 -1.44 1.31 -14.80
CA ASN A 22 -0.23 0.50 -15.12
C ASN A 22 -0.15 -0.66 -14.14
N THR A 23 0.08 -1.86 -14.65
CA THR A 23 0.41 -3.06 -13.83
C THR A 23 1.76 -3.61 -14.27
N VAL A 24 2.26 -4.60 -13.59
CA VAL A 24 3.59 -5.15 -13.93
C VAL A 24 3.52 -6.01 -15.19
N ARG A 25 2.31 -6.20 -15.73
CA ARG A 25 2.17 -6.93 -17.03
C ARG A 25 1.53 -6.01 -18.07
N GLY A 26 1.49 -4.73 -17.79
CA GLY A 26 1.06 -3.73 -18.77
C GLY A 26 -0.20 -3.02 -18.35
N PRO A 27 -0.75 -2.15 -19.21
CA PRO A 27 -1.91 -1.37 -18.81
C PRO A 27 -3.19 -2.18 -18.74
N ILE A 28 -4.04 -1.88 -17.76
CA ILE A 28 -5.40 -2.49 -17.66
C ILE A 28 -6.45 -1.40 -17.61
N THR A 29 -7.64 -1.73 -18.13
CA THR A 29 -8.76 -0.79 -17.89
C THR A 29 -9.30 -0.81 -16.46
N ILE A 30 -10.00 0.26 -16.09
CA ILE A 30 -10.68 0.33 -14.78
C ILE A 30 -11.53 -0.90 -14.56
N SER A 31 -12.28 -1.34 -15.57
CA SER A 31 -13.20 -2.47 -15.33
C SER A 31 -12.43 -3.75 -15.07
N GLU A 32 -11.16 -3.85 -15.47
CA GLU A 32 -10.38 -5.11 -15.28
C GLU A 32 -9.81 -5.21 -13.85
N ALA A 33 -9.74 -4.11 -13.13
CA ALA A 33 -9.10 -4.17 -11.79
C ALA A 33 -9.93 -5.06 -10.83
N GLY A 34 -11.26 -4.96 -10.86
CA GLY A 34 -12.08 -5.74 -9.91
C GLY A 34 -11.71 -5.52 -8.47
N PHE A 35 -12.03 -6.49 -7.64
CA PHE A 35 -11.74 -6.43 -6.18
C PHE A 35 -10.24 -6.25 -6.02
N THR A 36 -9.89 -5.12 -5.41
CA THR A 36 -8.49 -4.70 -5.31
C THR A 36 -8.07 -4.46 -3.86
N LEU A 37 -6.97 -5.12 -3.49
CA LEU A 37 -6.29 -4.82 -2.20
C LEU A 37 -5.25 -3.72 -2.47
N THR A 38 -5.40 -2.57 -1.80
CA THR A 38 -4.61 -1.37 -2.18
C THR A 38 -3.30 -1.24 -1.38
N HIS A 39 -3.03 -2.09 -0.39
CA HIS A 39 -1.74 -1.97 0.36
C HIS A 39 -1.24 -3.34 0.71
N GLU A 40 -0.39 -3.89 -0.13
CA GLU A 40 0.14 -5.25 0.05
C GLU A 40 1.61 -5.28 -0.35
N HIS A 41 2.27 -6.41 -0.10
CA HIS A 41 3.67 -6.61 -0.53
C HIS A 41 3.83 -8.07 -0.94
N ILE A 42 4.53 -8.33 -2.04
CA ILE A 42 4.98 -9.72 -2.21
C ILE A 42 6.12 -9.97 -1.22
N VAL A 43 7.08 -9.05 -1.17
CA VAL A 43 8.20 -9.18 -0.20
C VAL A 43 8.47 -7.82 0.44
N GLY A 44 8.74 -7.86 1.73
CA GLY A 44 9.23 -6.66 2.43
C GLY A 44 10.71 -6.82 2.67
N SER A 45 11.55 -6.05 1.97
CA SER A 45 13.00 -6.31 2.00
C SER A 45 13.73 -4.97 1.87
N SER A 46 14.86 -4.98 1.15
CA SER A 46 15.70 -3.78 0.98
C SER A 46 16.29 -3.85 -0.42
N ALA A 47 16.66 -2.71 -0.95
CA ALA A 47 17.19 -2.69 -2.32
C ALA A 47 18.39 -3.62 -2.48
N GLY A 48 18.34 -4.45 -3.51
CA GLY A 48 19.44 -5.39 -3.78
C GLY A 48 19.45 -6.66 -2.95
N PHE A 49 18.67 -6.70 -1.87
CA PHE A 49 18.86 -7.78 -0.89
C PHE A 49 18.44 -9.15 -1.45
N LEU A 50 17.28 -9.26 -2.11
CA LEU A 50 16.90 -10.55 -2.70
C LEU A 50 17.91 -11.03 -3.75
N ARG A 51 18.54 -10.13 -4.49
CA ARG A 51 19.51 -10.54 -5.54
C ARG A 51 20.80 -11.01 -4.84
N ALA A 52 21.17 -10.31 -3.75
CA ALA A 52 22.45 -10.62 -3.08
C ALA A 52 22.36 -11.81 -2.12
N TRP A 53 21.20 -12.08 -1.57
CA TRP A 53 21.11 -13.09 -0.49
C TRP A 53 19.79 -13.83 -0.60
N PRO A 54 19.51 -14.47 -1.76
CA PRO A 54 18.21 -15.12 -1.92
C PRO A 54 18.00 -16.25 -0.90
N GLU A 55 19.09 -16.85 -0.42
CA GLU A 55 18.91 -17.97 0.56
C GLU A 55 18.30 -17.48 1.88
N PHE A 56 18.37 -16.16 2.15
CA PHE A 56 17.65 -15.65 3.34
C PHE A 56 16.17 -16.11 3.34
N PHE A 57 15.61 -16.24 2.15
CA PHE A 57 14.17 -16.58 1.97
C PHE A 57 14.06 -18.09 1.65
N GLY A 58 15.09 -18.88 1.95
CA GLY A 58 15.17 -20.29 1.46
C GLY A 58 15.79 -20.28 0.08
N SER A 59 15.09 -19.71 -0.88
CA SER A 59 15.59 -19.40 -2.22
C SER A 59 14.65 -18.41 -2.87
N ARG A 60 15.07 -17.83 -3.97
CA ARG A 60 14.14 -17.00 -4.78
C ARG A 60 12.96 -17.86 -5.26
N ALA A 61 13.22 -19.10 -5.70
CA ALA A 61 12.10 -19.95 -6.17
C ALA A 61 11.12 -20.22 -5.04
N ALA A 62 11.59 -20.48 -3.81
CA ALA A 62 10.69 -20.76 -2.68
C ALA A 62 9.81 -19.55 -2.41
N LEU A 63 10.38 -18.36 -2.44
CA LEU A 63 9.60 -17.15 -2.18
C LEU A 63 8.58 -16.97 -3.30
N MET A 64 9.01 -17.18 -4.52
CA MET A 64 8.11 -16.99 -5.68
C MET A 64 6.96 -17.99 -5.56
N GLU A 65 7.27 -19.23 -5.20
CA GLU A 65 6.21 -20.25 -5.16
C GLU A 65 5.22 -19.93 -4.04
N LYS A 66 5.74 -19.47 -2.91
CA LYS A 66 4.89 -19.13 -1.77
C LYS A 66 3.97 -17.98 -2.16
N ALA A 67 4.52 -16.98 -2.86
CA ALA A 67 3.70 -15.82 -3.25
C ALA A 67 2.61 -16.24 -4.26
N VAL A 68 2.97 -17.14 -5.17
CA VAL A 68 1.94 -17.63 -6.13
C VAL A 68 0.84 -18.39 -5.36
N ARG A 69 1.22 -19.26 -4.42
CA ARG A 69 0.17 -19.97 -3.66
C ARG A 69 -0.70 -18.96 -2.90
N GLY A 70 -0.10 -17.95 -2.28
CA GLY A 70 -0.90 -16.99 -1.50
C GLY A 70 -1.81 -16.18 -2.41
N LEU A 71 -1.32 -15.79 -3.57
CA LEU A 71 -2.17 -14.94 -4.45
C LEU A 71 -3.27 -15.81 -5.08
N ARG A 72 -2.99 -17.10 -5.30
CA ARG A 72 -4.07 -18.00 -5.83
C ARG A 72 -5.12 -18.14 -4.74
N ARG A 73 -4.75 -18.24 -3.46
CA ARG A 73 -5.77 -18.29 -2.37
C ARG A 73 -6.56 -16.97 -2.33
N ALA A 74 -5.87 -15.85 -2.50
CA ALA A 74 -6.62 -14.57 -2.50
C ALA A 74 -7.58 -14.51 -3.71
N ARG A 75 -7.11 -14.95 -4.87
CA ARG A 75 -7.95 -14.94 -6.09
C ARG A 75 -9.20 -15.83 -5.85
N ALA A 76 -9.02 -17.00 -5.23
CA ALA A 76 -10.17 -17.90 -4.98
C ALA A 76 -11.18 -17.21 -4.06
N ALA A 77 -10.74 -16.32 -3.18
CA ALA A 77 -11.63 -15.57 -2.27
C ALA A 77 -12.20 -14.32 -2.96
N GLY A 78 -11.85 -14.06 -4.22
CA GLY A 78 -12.48 -12.94 -4.96
C GLY A 78 -11.52 -11.80 -5.33
N VAL A 79 -10.27 -11.84 -4.85
CA VAL A 79 -9.33 -10.72 -5.18
C VAL A 79 -8.92 -10.80 -6.65
N ARG A 80 -8.86 -9.68 -7.37
CA ARG A 80 -8.41 -9.68 -8.78
C ARG A 80 -7.14 -8.85 -8.99
N THR A 81 -6.91 -7.89 -8.10
CA THR A 81 -5.73 -7.01 -8.20
C THR A 81 -5.18 -6.75 -6.81
N ILE A 82 -3.85 -6.69 -6.72
CA ILE A 82 -3.23 -6.06 -5.52
C ILE A 82 -2.37 -4.89 -5.97
N VAL A 83 -2.23 -3.93 -5.07
CA VAL A 83 -1.24 -2.85 -5.25
C VAL A 83 -0.08 -3.19 -4.30
N ASP A 84 1.05 -3.51 -4.90
CA ASP A 84 2.29 -3.78 -4.15
C ASP A 84 2.96 -2.44 -3.88
N VAL A 85 2.87 -1.98 -2.64
CA VAL A 85 3.38 -0.61 -2.30
C VAL A 85 4.83 -0.69 -1.84
N SER A 86 5.57 -1.68 -2.33
CA SER A 86 7.03 -1.75 -2.12
C SER A 86 7.75 -0.78 -3.02
N THR A 87 8.52 0.11 -2.42
CA THR A 87 9.38 1.06 -3.11
C THR A 87 10.74 0.43 -3.40
N PHE A 88 11.60 1.22 -4.08
CA PHE A 88 13.05 0.94 -4.19
C PHE A 88 13.57 0.41 -2.85
N ASP A 89 13.38 1.17 -1.74
CA ASP A 89 14.06 0.85 -0.47
C ASP A 89 13.33 -0.23 0.31
N ILE A 90 12.19 -0.73 -0.17
CA ILE A 90 11.58 -1.97 0.37
C ILE A 90 12.11 -3.16 -0.45
N GLY A 91 12.98 -2.91 -1.41
CA GLY A 91 13.52 -4.03 -2.19
C GLY A 91 12.59 -4.56 -3.24
N ARG A 92 11.67 -3.72 -3.68
CA ARG A 92 10.79 -4.08 -4.81
C ARG A 92 11.63 -4.72 -5.91
N ASP A 93 11.12 -5.83 -6.40
CA ASP A 93 11.74 -6.54 -7.54
C ASP A 93 10.64 -6.74 -8.55
N VAL A 94 10.51 -5.83 -9.52
CA VAL A 94 9.32 -5.87 -10.43
C VAL A 94 9.36 -7.11 -11.34
N SER A 95 10.57 -7.68 -11.58
CA SER A 95 10.62 -8.92 -12.35
C SER A 95 9.95 -10.02 -11.56
N LEU A 96 10.16 -10.06 -10.25
CA LEU A 96 9.47 -11.08 -9.39
C LEU A 96 7.97 -10.80 -9.40
N LEU A 97 7.56 -9.52 -9.34
CA LEU A 97 6.12 -9.23 -9.35
C LEU A 97 5.48 -9.71 -10.65
N ALA A 98 6.13 -9.45 -11.76
CA ALA A 98 5.52 -9.85 -13.05
C ALA A 98 5.40 -11.38 -13.12
N GLU A 99 6.42 -12.10 -12.65
CA GLU A 99 6.39 -13.58 -12.69
C GLU A 99 5.23 -14.06 -11.83
N VAL A 100 5.13 -13.57 -10.59
CA VAL A 100 4.05 -13.98 -9.66
C VAL A 100 2.66 -13.59 -10.20
N SER A 101 2.56 -12.40 -10.76
CA SER A 101 1.27 -11.93 -11.31
C SER A 101 0.78 -12.90 -12.39
N GLU A 102 1.68 -13.25 -13.30
CA GLU A 102 1.27 -14.12 -14.43
C GLU A 102 0.93 -15.49 -13.91
N ALA A 103 1.76 -16.03 -12.99
CA ALA A 103 1.49 -17.41 -12.49
C ALA A 103 0.18 -17.45 -11.69
N ALA A 104 -0.18 -16.38 -10.97
CA ALA A 104 -1.36 -16.44 -10.07
C ALA A 104 -2.62 -15.94 -10.77
N ASP A 105 -2.45 -15.23 -11.90
CA ASP A 105 -3.60 -14.59 -12.59
C ASP A 105 -4.26 -13.56 -11.66
N VAL A 106 -3.37 -12.75 -11.03
CA VAL A 106 -3.79 -11.58 -10.22
C VAL A 106 -3.00 -10.38 -10.72
N HIS A 107 -3.69 -9.32 -11.07
CA HIS A 107 -2.99 -8.08 -11.47
C HIS A 107 -2.19 -7.51 -10.30
N ILE A 108 -1.01 -7.01 -10.63
CA ILE A 108 -0.20 -6.35 -9.57
C ILE A 108 0.18 -4.94 -10.06
N VAL A 109 -0.16 -3.93 -9.29
CA VAL A 109 0.27 -2.53 -9.55
C VAL A 109 1.54 -2.31 -8.72
N ALA A 110 2.60 -1.88 -9.37
CA ALA A 110 3.87 -1.57 -8.66
C ALA A 110 3.91 -0.08 -8.27
N ALA A 111 4.82 0.21 -7.36
CA ALA A 111 4.99 1.54 -6.77
C ALA A 111 6.36 2.13 -7.09
N THR A 112 6.36 3.45 -7.10
CA THR A 112 7.60 4.25 -6.97
C THR A 112 7.55 4.94 -5.60
N GLY A 113 8.40 5.95 -5.43
CA GLY A 113 8.47 6.65 -4.13
C GLY A 113 9.58 6.11 -3.24
N LEU A 114 9.57 6.51 -1.99
CA LEU A 114 10.58 6.07 -0.99
C LEU A 114 9.86 5.88 0.34
N TRP A 115 10.19 4.78 0.98
CA TRP A 115 9.71 4.46 2.34
C TRP A 115 10.65 5.00 3.40
N GLU A 116 10.75 4.32 4.53
CA GLU A 116 11.52 4.86 5.68
C GLU A 116 12.96 4.37 5.72
N ASP A 117 13.47 3.70 4.70
CA ASP A 117 14.87 3.21 4.74
C ASP A 117 15.63 3.61 3.52
N PRO A 118 15.60 4.89 3.10
CA PRO A 118 16.36 5.25 1.90
C PRO A 118 17.86 5.25 2.20
N PRO A 119 18.67 4.88 1.21
CA PRO A 119 20.12 4.92 1.41
C PRO A 119 20.65 6.33 1.21
N LEU A 120 21.93 6.52 1.41
CA LEU A 120 22.52 7.86 1.28
C LEU A 120 22.34 8.40 -0.14
N SER A 121 22.44 7.55 -1.18
CA SER A 121 22.34 8.05 -2.59
C SER A 121 20.96 8.65 -2.86
N MET A 122 19.95 8.25 -2.08
CA MET A 122 18.62 8.94 -2.16
C MET A 122 18.58 10.12 -1.19
N ARG A 123 18.98 9.91 0.07
CA ARG A 123 18.82 10.95 1.14
C ARG A 123 19.56 12.24 0.82
N LEU A 124 20.54 12.20 -0.08
CA LEU A 124 21.29 13.45 -0.38
C LEU A 124 20.69 14.19 -1.58
N ARG A 125 19.58 13.68 -2.12
CA ARG A 125 18.99 14.31 -3.34
C ARG A 125 18.04 15.47 -3.03
N SER A 126 17.92 16.33 -4.04
CA SER A 126 17.01 17.50 -3.94
C SER A 126 15.58 17.10 -4.31
N VAL A 127 14.64 17.99 -4.05
CA VAL A 127 13.24 17.73 -4.45
C VAL A 127 13.16 17.55 -5.97
N GLU A 128 13.89 18.34 -6.73
CA GLU A 128 13.81 18.21 -8.21
C GLU A 128 14.39 16.85 -8.65
N GLU A 129 15.50 16.45 -8.07
CA GLU A 129 16.11 15.17 -8.42
C GLU A 129 15.15 14.02 -8.08
N LEU A 130 14.56 14.06 -6.89
CA LEU A 130 13.62 12.99 -6.48
C LEU A 130 12.43 12.97 -7.48
N THR A 131 11.97 14.12 -7.90
CA THR A 131 10.82 14.14 -8.81
C THR A 131 11.25 13.45 -10.10
N GLN A 132 12.46 13.71 -10.56
CA GLN A 132 12.94 13.07 -11.80
C GLN A 132 12.94 11.55 -11.60
N PHE A 133 13.39 11.09 -10.43
CA PHE A 133 13.45 9.64 -10.19
C PHE A 133 12.05 9.05 -10.17
N PHE A 134 11.11 9.66 -9.44
CA PHE A 134 9.76 9.11 -9.40
C PHE A 134 9.10 9.14 -10.78
N LEU A 135 9.35 10.21 -11.54
CA LEU A 135 8.79 10.27 -12.92
C LEU A 135 9.42 9.20 -13.80
N ARG A 136 10.68 8.89 -13.57
CA ARG A 136 11.30 7.85 -14.38
C ARG A 136 10.53 6.56 -14.21
N GLU A 137 10.23 6.23 -12.99
CA GLU A 137 9.61 4.91 -12.68
C GLU A 137 8.14 4.90 -13.12
N ILE A 138 7.47 6.04 -13.16
CA ILE A 138 6.06 6.10 -13.64
C ILE A 138 6.03 6.17 -15.18
N GLN A 139 6.88 6.97 -15.79
CA GLN A 139 6.67 7.34 -17.21
C GLN A 139 7.55 6.51 -18.14
N TYR A 140 8.69 6.02 -17.66
CA TYR A 140 9.66 5.36 -18.55
C TYR A 140 9.73 3.88 -18.20
N GLY A 141 10.14 3.59 -16.97
CA GLY A 141 10.19 2.21 -16.50
C GLY A 141 11.02 2.09 -15.25
N ILE A 142 10.79 1.00 -14.54
CA ILE A 142 11.62 0.63 -13.38
C ILE A 142 12.84 -0.14 -13.86
N GLU A 143 14.02 0.35 -13.46
CA GLU A 143 15.29 -0.28 -13.90
CA GLU A 143 15.31 -0.24 -13.92
C GLU A 143 15.25 -0.38 -15.45
N ASP A 144 15.62 -1.55 -15.98
CA ASP A 144 15.64 -1.79 -17.44
C ASP A 144 14.49 -2.69 -17.83
N THR A 145 13.41 -2.71 -17.04
CA THR A 145 12.30 -3.65 -17.28
C THR A 145 11.21 -3.09 -18.17
N GLY A 146 11.10 -1.76 -18.32
CA GLY A 146 9.94 -1.16 -19.00
C GLY A 146 8.65 -1.21 -18.17
N ILE A 147 8.69 -1.77 -16.96
CA ILE A 147 7.47 -1.88 -16.13
C ILE A 147 7.28 -0.53 -15.42
N ARG A 148 6.10 0.04 -15.51
CA ARG A 148 5.85 1.38 -14.97
C ARG A 148 5.04 1.30 -13.68
N ALA A 149 5.38 2.18 -12.74
CA ALA A 149 4.64 2.28 -11.50
C ALA A 149 3.27 2.89 -11.72
N GLY A 150 2.30 2.41 -10.96
CA GLY A 150 0.96 2.99 -10.94
C GLY A 150 0.58 3.70 -9.66
N ILE A 151 1.53 3.86 -8.75
CA ILE A 151 1.26 4.56 -7.46
C ILE A 151 2.59 5.06 -6.91
N ILE A 152 2.56 6.08 -6.07
CA ILE A 152 3.79 6.65 -5.46
C ILE A 152 3.64 6.49 -3.95
N LYS A 153 4.57 5.78 -3.37
CA LYS A 153 4.55 5.49 -1.90
C LYS A 153 5.53 6.42 -1.17
N VAL A 154 5.11 6.98 -0.04
CA VAL A 154 5.94 7.86 0.80
C VAL A 154 5.74 7.47 2.27
N ALA A 155 6.56 8.03 3.14
CA ALA A 155 6.53 7.62 4.57
C ALA A 155 6.98 8.72 5.52
N THR A 156 6.32 8.77 6.66
CA THR A 156 6.85 9.41 7.86
C THR A 156 6.64 8.47 9.04
N ASN A 157 7.33 8.74 10.14
CA ASN A 157 7.06 8.05 11.42
C ASN A 157 7.15 9.10 12.51
N GLY A 158 6.07 9.81 12.72
CA GLY A 158 6.13 11.06 13.49
C GLY A 158 6.55 12.21 12.59
N LYS A 159 7.03 13.31 13.19
CA LYS A 159 7.38 14.51 12.43
C LYS A 159 8.28 14.11 11.27
N ALA A 160 8.03 14.70 10.12
CA ALA A 160 8.82 14.38 8.93
C ALA A 160 10.27 14.82 9.21
N THR A 161 11.21 13.99 8.78
CA THR A 161 12.61 14.45 8.67
C THR A 161 12.69 15.45 7.52
N PRO A 162 13.77 16.25 7.43
CA PRO A 162 13.92 17.18 6.30
C PRO A 162 13.82 16.41 4.98
N PHE A 163 14.44 15.22 4.94
CA PHE A 163 14.45 14.53 3.63
C PHE A 163 13.04 13.99 3.33
N GLN A 164 12.31 13.55 4.35
CA GLN A 164 10.96 13.06 4.06
C GLN A 164 10.07 14.21 3.56
N GLU A 165 10.27 15.41 4.03
CA GLU A 165 9.49 16.54 3.45
C GLU A 165 9.78 16.62 1.95
N LEU A 166 11.04 16.49 1.53
CA LEU A 166 11.34 16.53 0.10
C LEU A 166 10.66 15.38 -0.65
N VAL A 167 10.65 14.21 -0.04
CA VAL A 167 10.01 13.05 -0.72
C VAL A 167 8.54 13.35 -0.91
N LEU A 168 7.86 13.87 0.15
CA LEU A 168 6.41 14.22 0.04
CA LEU A 168 6.41 14.14 -0.04
C LEU A 168 6.22 15.22 -1.10
N ARG A 169 7.05 16.24 -1.14
CA ARG A 169 6.89 17.26 -2.20
C ARG A 169 7.15 16.66 -3.57
N ALA A 170 8.18 15.83 -3.70
CA ALA A 170 8.46 15.19 -5.00
C ALA A 170 7.32 14.25 -5.43
N ALA A 171 6.74 13.54 -4.50
CA ALA A 171 5.59 12.67 -4.80
C ALA A 171 4.45 13.55 -5.33
N ALA A 172 4.19 14.67 -4.65
CA ALA A 172 3.13 15.57 -5.15
C ALA A 172 3.45 16.01 -6.60
N ARG A 173 4.68 16.43 -6.85
CA ARG A 173 5.00 16.89 -8.21
C ARG A 173 4.82 15.78 -9.24
N ALA A 174 5.24 14.57 -8.89
CA ALA A 174 5.11 13.46 -9.85
C ALA A 174 3.63 13.18 -10.09
N SER A 175 2.80 13.21 -9.04
CA SER A 175 1.34 13.05 -9.17
C SER A 175 0.73 14.14 -10.02
N LEU A 176 1.17 15.37 -9.81
CA LEU A 176 0.61 16.50 -10.56
C LEU A 176 0.96 16.40 -12.04
N ALA A 177 2.08 15.78 -12.38
CA ALA A 177 2.46 15.62 -13.80
C ALA A 177 1.70 14.46 -14.45
N THR A 178 1.40 13.38 -13.71
CA THR A 178 0.99 12.10 -14.34
C THR A 178 -0.45 11.70 -14.00
N GLY A 179 -0.97 12.21 -12.91
CA GLY A 179 -2.28 11.75 -12.41
C GLY A 179 -2.19 10.48 -11.57
N VAL A 180 -1.01 9.91 -11.38
CA VAL A 180 -0.86 8.70 -10.55
C VAL A 180 -1.02 9.12 -9.10
N PRO A 181 -1.72 8.33 -8.26
CA PRO A 181 -1.94 8.76 -6.88
C PRO A 181 -0.77 8.44 -5.94
N VAL A 182 -0.92 8.95 -4.72
CA VAL A 182 0.08 8.81 -3.65
C VAL A 182 -0.51 7.99 -2.52
N THR A 183 0.28 7.09 -1.97
CA THR A 183 -0.12 6.30 -0.80
C THR A 183 0.93 6.51 0.30
N THR A 184 0.50 6.68 1.53
CA THR A 184 1.44 7.05 2.59
C THR A 184 1.51 6.02 3.69
N HIS A 185 2.73 5.89 4.23
CA HIS A 185 2.95 5.24 5.53
C HIS A 185 2.89 6.34 6.58
N THR A 186 2.20 6.09 7.68
CA THR A 186 2.16 6.98 8.84
C THR A 186 2.45 6.17 10.10
N ASP A 187 2.84 6.88 11.15
CA ASP A 187 2.57 6.48 12.54
C ASP A 187 1.30 7.20 12.92
N ALA A 188 0.18 6.50 12.78
CA ALA A 188 -1.15 7.12 12.95
C ALA A 188 -1.33 7.67 14.37
N SER A 189 -0.67 7.05 15.33
CA SER A 189 -0.78 7.49 16.75
C SER A 189 -0.17 8.89 16.90
N GLN A 190 0.72 9.29 15.98
CA GLN A 190 1.27 10.66 16.06
C GLN A 190 0.56 11.62 15.08
N ARG A 191 -0.51 11.14 14.43
CA ARG A 191 -1.34 11.99 13.53
C ARG A 191 -0.51 12.54 12.37
N ASP A 192 0.37 11.72 11.83
CA ASP A 192 1.27 12.18 10.78
C ASP A 192 0.50 12.69 9.56
N GLY A 193 -0.68 12.15 9.29
CA GLY A 193 -1.42 12.54 8.08
C GLY A 193 -1.70 14.04 8.06
N GLU A 194 -1.75 14.71 9.20
CA GLU A 194 -2.00 16.16 9.25
C GLU A 194 -0.81 16.91 8.66
N GLN A 195 0.42 16.53 9.00
CA GLN A 195 1.60 17.18 8.37
C GLN A 195 1.75 16.76 6.93
N GLN A 196 1.45 15.50 6.64
CA GLN A 196 1.58 15.04 5.25
C GLN A 196 0.61 15.85 4.35
N ALA A 197 -0.62 16.03 4.83
CA ALA A 197 -1.61 16.83 4.06
C ALA A 197 -1.12 18.25 3.87
N ALA A 198 -0.56 18.87 4.91
CA ALA A 198 -0.09 20.26 4.76
C ALA A 198 0.98 20.33 3.66
N ILE A 199 1.89 19.37 3.65
CA ILE A 199 3.00 19.45 2.68
C ILE A 199 2.44 19.20 1.27
N PHE A 200 1.60 18.20 1.12
CA PHE A 200 0.99 17.90 -0.19
C PHE A 200 0.23 19.12 -0.72
N GLU A 201 -0.56 19.74 0.14
CA GLU A 201 -1.39 20.88 -0.27
C GLU A 201 -0.51 22.07 -0.61
N SER A 202 0.61 22.23 0.07
CA SER A 202 1.53 23.35 -0.24
C SER A 202 2.04 23.20 -1.68
N GLU A 203 2.07 21.98 -2.25
CA GLU A 203 2.51 21.75 -3.64
C GLU A 203 1.36 21.76 -4.63
N GLY A 204 0.13 21.93 -4.12
CA GLY A 204 -1.02 21.96 -5.00
C GLY A 204 -1.70 20.65 -5.29
N LEU A 205 -1.31 19.59 -4.56
CA LEU A 205 -1.92 18.27 -4.85
C LEU A 205 -3.36 18.22 -4.33
N ASP A 206 -4.24 17.60 -5.11
CA ASP A 206 -5.64 17.44 -4.66
C ASP A 206 -5.68 16.27 -3.68
N PRO A 207 -6.37 16.40 -2.54
CA PRO A 207 -6.47 15.29 -1.59
C PRO A 207 -7.09 14.00 -2.15
N SER A 208 -7.90 14.08 -3.19
CA SER A 208 -8.50 12.88 -3.83
C SER A 208 -7.44 12.02 -4.51
N ARG A 209 -6.21 12.52 -4.57
CA ARG A 209 -5.11 11.71 -5.18
C ARG A 209 -4.24 11.10 -4.08
N VAL A 210 -4.66 11.14 -2.82
CA VAL A 210 -3.84 10.69 -1.69
C VAL A 210 -4.64 9.75 -0.81
N VAL A 211 -4.04 8.62 -0.47
CA VAL A 211 -4.54 7.77 0.63
C VAL A 211 -3.52 7.85 1.78
N ILE A 212 -4.03 8.21 2.94
CA ILE A 212 -3.24 8.28 4.19
C ILE A 212 -3.31 6.89 4.84
N GLY A 213 -2.23 6.12 4.72
CA GLY A 213 -2.16 4.72 5.10
C GLY A 213 -1.82 4.48 6.56
N HIS A 214 -1.96 3.21 6.92
CA HIS A 214 -1.84 2.75 8.32
C HIS A 214 -2.77 3.51 9.26
N SER A 215 -3.88 4.00 8.71
CA SER A 215 -4.85 4.80 9.49
C SER A 215 -5.68 3.92 10.42
N ASP A 216 -5.62 2.60 10.24
CA ASP A 216 -6.26 1.69 11.20
C ASP A 216 -5.39 1.53 12.44
N GLY A 217 -4.25 2.20 12.50
CA GLY A 217 -3.37 2.17 13.69
C GLY A 217 -3.78 3.18 14.76
N THR A 218 -4.99 3.73 14.69
CA THR A 218 -5.45 4.71 15.67
C THR A 218 -6.97 4.52 15.81
N ASP A 219 -7.51 4.86 16.99
CA ASP A 219 -8.99 4.97 17.16
C ASP A 219 -9.41 6.43 17.21
N ASP A 220 -8.53 7.36 16.87
CA ASP A 220 -8.83 8.82 16.97
C ASP A 220 -9.70 9.28 15.77
N LEU A 221 -11.02 9.31 15.98
CA LEU A 221 -11.94 9.75 14.89
C LEU A 221 -11.82 11.22 14.59
N ASP A 222 -11.28 12.03 15.49
CA ASP A 222 -11.07 13.47 15.19
C ASP A 222 -10.02 13.57 14.10
N TYR A 223 -8.91 12.87 14.31
CA TYR A 223 -7.86 12.81 13.28
C TYR A 223 -8.40 12.24 11.98
N LEU A 224 -9.08 11.10 12.05
CA LEU A 224 -9.47 10.44 10.80
C LEU A 224 -10.47 11.30 10.02
N THR A 225 -11.43 11.89 10.73
CA THR A 225 -12.44 12.70 10.00
C THR A 225 -11.84 14.03 9.57
N ALA A 226 -10.81 14.56 10.28
CA ALA A 226 -10.19 15.82 9.82
C ALA A 226 -9.55 15.59 8.46
N LEU A 227 -8.99 14.41 8.26
CA LEU A 227 -8.42 14.09 6.93
C LEU A 227 -9.54 13.84 5.90
N ALA A 228 -10.49 12.98 6.23
CA ALA A 228 -11.54 12.65 5.25
C ALA A 228 -12.33 13.91 4.87
N ALA A 229 -12.55 14.82 5.80
CA ALA A 229 -13.41 16.00 5.50
C ALA A 229 -12.77 16.87 4.43
N ARG A 230 -11.43 16.85 4.29
CA ARG A 230 -10.67 17.64 3.31
C ARG A 230 -10.58 16.90 1.99
N GLY A 231 -11.01 15.65 1.91
CA GLY A 231 -11.00 14.86 0.69
C GLY A 231 -9.99 13.74 0.61
N TYR A 232 -9.21 13.55 1.67
CA TYR A 232 -8.22 12.42 1.61
C TYR A 232 -8.94 11.09 1.66
N LEU A 233 -8.36 10.09 1.01
CA LEU A 233 -8.74 8.70 1.26
C LEU A 233 -8.03 8.20 2.51
N ILE A 234 -8.69 7.26 3.18
CA ILE A 234 -8.22 6.73 4.48
C ILE A 234 -7.89 5.28 4.28
N GLY A 235 -6.60 4.93 4.47
CA GLY A 235 -6.12 3.55 4.26
C GLY A 235 -6.20 2.74 5.54
N LEU A 236 -7.23 1.91 5.63
CA LEU A 236 -7.40 1.00 6.81
C LEU A 236 -6.82 -0.32 6.35
N ASP A 237 -5.52 -0.41 6.40
CA ASP A 237 -4.74 -1.28 5.48
C ASP A 237 -3.98 -2.38 6.21
N GLY A 238 -4.08 -2.48 7.54
CA GLY A 238 -3.36 -3.52 8.26
C GLY A 238 -4.26 -4.31 9.16
N ILE A 239 -5.49 -4.59 8.68
CA ILE A 239 -6.53 -5.13 9.61
C ILE A 239 -6.05 -6.37 10.38
N PRO A 240 -5.42 -7.41 9.78
CA PRO A 240 -5.04 -8.58 10.57
C PRO A 240 -3.77 -8.40 11.41
N HIS A 241 -3.15 -7.22 11.44
CA HIS A 241 -1.94 -7.10 12.27
C HIS A 241 -1.65 -5.70 12.79
N SER A 242 -0.75 -5.61 13.77
CA SER A 242 -0.43 -4.32 14.44
C SER A 242 0.23 -3.33 13.45
N ALA A 243 0.05 -2.04 13.70
CA ALA A 243 0.82 -1.03 12.92
C ALA A 243 2.27 -1.07 13.43
N ILE A 244 3.10 -1.93 12.82
CA ILE A 244 4.41 -2.30 13.44
C ILE A 244 5.45 -1.21 13.13
N GLY A 245 6.47 -1.12 13.99
CA GLY A 245 7.56 -0.14 13.84
C GLY A 245 8.77 -0.58 14.63
N LEU A 246 9.89 0.11 14.46
CA LEU A 246 11.20 -0.31 15.07
C LEU A 246 11.21 -0.04 16.57
N GLU A 247 10.33 -0.70 17.34
CA GLU A 247 10.19 -0.43 18.79
C GLU A 247 11.47 -0.85 19.54
N ASP A 248 12.41 -1.50 18.83
CA ASP A 248 13.69 -1.94 19.46
C ASP A 248 13.37 -2.72 20.74
N ASN A 249 14.11 -2.45 21.82
CA ASN A 249 13.90 -3.14 23.12
C ASN A 249 13.43 -4.57 22.85
N ALA A 250 12.16 -4.88 23.16
CA ALA A 250 11.61 -6.24 22.99
C ALA A 250 10.46 -6.21 21.96
N SER A 251 10.77 -5.87 20.71
CA SER A 251 9.75 -5.88 19.63
C SER A 251 9.46 -7.35 19.22
N ALA A 252 10.19 -7.88 18.21
CA ALA A 252 9.98 -9.26 17.71
C ALA A 252 8.49 -9.47 17.37
N SER A 253 7.83 -10.42 18.03
CA SER A 253 6.38 -10.69 17.80
C SER A 253 5.49 -9.76 18.64
N SER A 254 5.67 -8.43 18.48
CA SER A 254 4.58 -7.44 18.73
C SER A 254 3.72 -7.38 17.47
N TRP A 255 3.50 -8.56 16.87
CA TRP A 255 2.86 -8.67 15.54
C TRP A 255 1.36 -8.36 15.63
N LEU A 256 0.61 -9.13 16.45
CA LEU A 256 -0.88 -9.10 16.63
C LEU A 256 -1.34 -7.69 17.03
N GLY A 257 -0.61 -7.08 17.98
CA GLY A 257 -0.82 -5.71 18.48
C GLY A 257 -1.62 -5.66 19.77
N ASN A 258 -1.87 -4.47 20.29
CA ASN A 258 -2.71 -4.30 21.51
C ASN A 258 -4.21 -4.39 21.13
N ARG A 259 -4.54 -4.02 19.89
CA ARG A 259 -5.95 -3.92 19.42
C ARG A 259 -6.27 -5.15 18.57
N SER A 260 -7.51 -5.61 18.65
CA SER A 260 -7.96 -6.79 17.87
C SER A 260 -8.24 -6.42 16.41
N TRP A 261 -8.23 -7.42 15.54
CA TRP A 261 -8.57 -7.12 14.15
C TRP A 261 -10.02 -6.60 14.09
N GLN A 262 -10.91 -7.06 14.96
CA GLN A 262 -12.32 -6.59 14.95
C GLN A 262 -12.35 -5.08 15.25
N THR A 263 -11.51 -4.61 16.17
CA THR A 263 -11.46 -3.18 16.52
C THR A 263 -11.02 -2.39 15.31
N ARG A 264 -9.97 -2.82 14.62
CA ARG A 264 -9.54 -2.12 13.39
CA ARG A 264 -9.54 -2.14 13.38
C ARG A 264 -10.66 -2.18 12.34
N ALA A 265 -11.27 -3.36 12.13
CA ALA A 265 -12.31 -3.46 11.10
C ALA A 265 -13.47 -2.50 11.42
N LEU A 266 -13.77 -2.29 12.71
CA LEU A 266 -14.95 -1.45 13.07
C LEU A 266 -14.71 0.01 12.67
N LEU A 267 -13.44 0.41 12.44
CA LEU A 267 -13.19 1.76 11.88
C LEU A 267 -13.81 1.88 10.50
N ILE A 268 -13.84 0.77 9.76
CA ILE A 268 -14.45 0.80 8.40
C ILE A 268 -15.92 1.22 8.55
N LYS A 269 -16.63 0.57 9.49
CA LYS A 269 -18.03 0.90 9.72
C LYS A 269 -18.17 2.34 10.27
N ALA A 270 -17.23 2.79 11.12
CA ALA A 270 -17.36 4.16 11.65
C ALA A 270 -17.33 5.15 10.47
N LEU A 271 -16.40 4.96 9.53
CA LEU A 271 -16.24 5.95 8.45
C LEU A 271 -17.44 5.87 7.49
N ILE A 272 -17.95 4.65 7.26
CA ILE A 272 -19.22 4.51 6.49
C ILE A 272 -20.33 5.31 7.18
N ASP A 273 -20.44 5.18 8.49
CA ASP A 273 -21.55 5.80 9.24
C ASP A 273 -21.45 7.33 9.24
N GLN A 274 -20.26 7.86 8.97
CA GLN A 274 -19.95 9.31 8.90
C GLN A 274 -20.10 9.84 7.48
N GLY A 275 -20.44 8.99 6.50
CA GLY A 275 -20.61 9.52 5.14
C GLY A 275 -19.39 9.36 4.24
N TYR A 276 -18.38 8.58 4.65
CA TYR A 276 -17.11 8.57 3.88
C TYR A 276 -16.91 7.24 3.14
N VAL A 277 -17.98 6.56 2.78
CA VAL A 277 -17.84 5.28 2.05
C VAL A 277 -16.93 5.41 0.84
N LYS A 278 -16.99 6.52 0.11
CA LYS A 278 -16.21 6.59 -1.16
C LYS A 278 -14.75 6.93 -0.89
N GLN A 279 -14.36 7.10 0.37
CA GLN A 279 -12.99 7.51 0.72
C GLN A 279 -12.30 6.40 1.52
N ILE A 280 -12.89 5.22 1.64
CA ILE A 280 -12.26 4.14 2.44
C ILE A 280 -11.52 3.19 1.52
N LEU A 281 -10.28 2.84 1.87
CA LEU A 281 -9.53 1.75 1.16
C LEU A 281 -9.04 0.76 2.22
N VAL A 282 -9.35 -0.50 2.00
CA VAL A 282 -9.04 -1.58 2.98
CA VAL A 282 -9.05 -1.58 2.98
C VAL A 282 -7.99 -2.53 2.42
N SER A 283 -7.16 -3.07 3.32
CA SER A 283 -6.17 -4.07 2.88
C SER A 283 -5.66 -4.84 4.08
N ASN A 284 -4.72 -5.76 3.82
CA ASN A 284 -4.12 -6.64 4.84
C ASN A 284 -2.71 -6.16 5.21
N ASP A 285 -2.02 -5.46 4.28
CA ASP A 285 -0.59 -5.19 4.47
C ASP A 285 0.14 -6.47 4.81
N TRP A 286 -0.16 -7.47 3.99
CA TRP A 286 0.52 -8.79 4.12
C TRP A 286 1.79 -8.84 3.27
N LEU A 287 2.61 -9.87 3.52
CA LEU A 287 3.74 -10.16 2.61
CA LEU A 287 3.91 -10.12 2.85
C LEU A 287 4.05 -11.65 2.69
N PHE A 288 4.85 -12.12 1.76
CA PHE A 288 5.20 -13.57 1.66
C PHE A 288 6.64 -13.81 2.09
N GLY A 289 7.46 -12.76 2.16
CA GLY A 289 8.81 -12.74 2.72
C GLY A 289 9.07 -11.42 3.40
N PHE A 290 9.94 -11.41 4.39
CA PHE A 290 10.03 -10.19 5.23
C PHE A 290 11.40 -10.16 5.87
N SER A 291 12.38 -9.54 5.22
CA SER A 291 13.77 -9.48 5.71
C SER A 291 14.04 -8.20 6.51
N SER A 292 13.17 -7.18 6.38
CA SER A 292 13.37 -5.90 7.12
C SER A 292 12.77 -5.99 8.52
N TRP A 293 12.80 -7.18 9.11
CA TRP A 293 12.49 -7.32 10.54
CA TRP A 293 12.27 -7.47 10.46
C TRP A 293 13.12 -8.62 11.04
N VAL A 294 12.72 -9.06 12.23
CA VAL A 294 13.46 -10.15 12.92
C VAL A 294 13.37 -11.42 12.11
N THR A 295 14.40 -12.24 12.24
CA THR A 295 14.38 -13.55 11.57
C THR A 295 13.16 -14.40 12.00
N ASN A 296 12.60 -15.11 11.03
CA ASN A 296 11.49 -16.09 11.25
C ASN A 296 10.18 -15.36 11.58
N ILE A 297 10.12 -14.04 11.42
CA ILE A 297 8.82 -13.32 11.57
C ILE A 297 7.75 -13.99 10.69
N MET A 298 8.10 -14.66 9.58
CA MET A 298 7.00 -15.18 8.70
C MET A 298 6.34 -16.39 9.34
N ASP A 299 7.07 -17.13 10.15
CA ASP A 299 6.46 -18.27 10.86
C ASP A 299 5.34 -17.71 11.73
N VAL A 300 5.64 -16.63 12.44
CA VAL A 300 4.70 -16.01 13.39
C VAL A 300 3.50 -15.52 12.58
N MET A 301 3.79 -14.69 11.57
CA MET A 301 2.69 -14.12 10.73
C MET A 301 1.81 -15.21 10.16
N ASP A 302 2.38 -16.23 9.55
CA ASP A 302 1.57 -17.30 8.90
C ASP A 302 0.81 -18.14 9.94
N SER A 303 1.36 -18.30 11.15
CA SER A 303 0.62 -19.10 12.16
C SER A 303 -0.62 -18.32 12.59
N VAL A 304 -0.49 -17.01 12.78
CA VAL A 304 -1.56 -16.10 13.30
C VAL A 304 -2.62 -15.80 12.21
N ASN A 305 -2.19 -15.61 10.96
CA ASN A 305 -3.14 -15.28 9.87
C ASN A 305 -2.86 -16.22 8.70
N PRO A 306 -3.24 -17.52 8.76
CA PRO A 306 -3.00 -18.42 7.65
C PRO A 306 -3.75 -18.01 6.36
N ASP A 307 -4.75 -17.14 6.48
CA ASP A 307 -5.49 -16.68 5.28
C ASP A 307 -4.66 -15.67 4.47
N GLY A 308 -3.59 -15.16 5.07
CA GLY A 308 -2.76 -14.15 4.38
C GLY A 308 -3.58 -13.03 3.74
N MET A 309 -3.40 -12.84 2.43
CA MET A 309 -4.11 -11.70 1.77
C MET A 309 -5.59 -12.02 1.57
N ALA A 310 -5.99 -13.27 1.84
CA ALA A 310 -7.43 -13.61 1.75
C ALA A 310 -8.15 -13.23 3.05
N PHE A 311 -7.47 -12.66 4.02
CA PHE A 311 -8.10 -12.30 5.31
C PHE A 311 -9.21 -11.26 5.09
N ILE A 312 -8.94 -10.26 4.25
CA ILE A 312 -9.98 -9.22 4.01
C ILE A 312 -11.25 -9.88 3.48
N PRO A 313 -11.24 -10.58 2.33
CA PRO A 313 -12.48 -11.15 1.81
C PRO A 313 -13.06 -12.27 2.67
N LEU A 314 -12.24 -13.13 3.26
CA LEU A 314 -12.82 -14.28 4.00
C LEU A 314 -13.29 -13.88 5.39
N ARG A 315 -12.69 -12.88 6.03
CA ARG A 315 -13.02 -12.61 7.47
C ARG A 315 -13.56 -11.21 7.66
N VAL A 316 -12.92 -10.19 7.07
CA VAL A 316 -13.43 -8.83 7.34
C VAL A 316 -14.77 -8.56 6.62
N ILE A 317 -14.93 -9.03 5.40
CA ILE A 317 -16.19 -8.76 4.66
C ILE A 317 -17.35 -9.39 5.42
N PRO A 318 -17.32 -10.68 5.76
CA PRO A 318 -18.43 -11.28 6.52
C PRO A 318 -18.69 -10.62 7.86
N PHE A 319 -17.63 -10.19 8.55
CA PHE A 319 -17.77 -9.52 9.83
C PHE A 319 -18.54 -8.21 9.64
N LEU A 320 -18.23 -7.46 8.60
CA LEU A 320 -18.93 -6.18 8.36
C LEU A 320 -20.38 -6.44 7.95
N ARG A 321 -20.63 -7.50 7.16
CA ARG A 321 -22.02 -7.87 6.81
CA ARG A 321 -22.03 -7.86 6.82
C ARG A 321 -22.80 -8.17 8.10
N GLU A 322 -22.18 -8.92 9.00
CA GLU A 322 -22.82 -9.29 10.30
CA GLU A 322 -22.90 -9.28 10.25
C GLU A 322 -23.16 -8.01 11.07
N LYS A 323 -22.37 -6.94 10.85
CA LYS A 323 -22.59 -5.66 11.56
C LYS A 323 -23.53 -4.76 10.76
N GLY A 324 -24.15 -5.26 9.69
CA GLY A 324 -25.21 -4.51 9.00
C GLY A 324 -24.72 -3.77 7.78
N VAL A 325 -23.45 -3.92 7.39
CA VAL A 325 -23.00 -3.24 6.16
C VAL A 325 -23.46 -4.05 4.94
N SER A 326 -24.00 -3.37 3.96
CA SER A 326 -24.58 -4.04 2.78
C SER A 326 -23.49 -4.54 1.84
N GLN A 327 -23.85 -5.51 1.02
CA GLN A 327 -22.94 -5.96 -0.07
C GLN A 327 -22.67 -4.79 -1.04
N GLU A 328 -23.64 -3.92 -1.30
CA GLU A 328 -23.44 -2.77 -2.22
C GLU A 328 -22.37 -1.82 -1.62
N THR A 329 -22.44 -1.56 -0.32
CA THR A 329 -21.48 -0.63 0.32
C THR A 329 -20.09 -1.28 0.25
N LEU A 330 -20.02 -2.59 0.50
CA LEU A 330 -18.70 -3.27 0.46
C LEU A 330 -18.16 -3.32 -0.96
N ALA A 331 -19.00 -3.37 -1.99
CA ALA A 331 -18.50 -3.34 -3.39
C ALA A 331 -17.97 -1.94 -3.69
N THR A 332 -18.63 -0.91 -3.17
CA THR A 332 -18.06 0.45 -3.36
C THR A 332 -16.64 0.51 -2.78
N ILE A 333 -16.46 -0.04 -1.58
CA ILE A 333 -15.14 0.10 -0.92
C ILE A 333 -14.09 -0.74 -1.68
N THR A 334 -14.41 -1.99 -2.03
CA THR A 334 -13.44 -2.97 -2.51
C THR A 334 -13.26 -2.91 -4.03
N VAL A 335 -14.24 -2.38 -4.78
CA VAL A 335 -14.15 -2.40 -6.26
C VAL A 335 -14.19 -0.95 -6.78
N GLU A 336 -15.20 -0.18 -6.41
CA GLU A 336 -15.35 1.15 -7.03
C GLU A 336 -14.23 2.08 -6.54
N ASN A 337 -13.96 2.10 -5.25
CA ASN A 337 -12.97 3.07 -4.73
C ASN A 337 -11.57 2.85 -5.30
N PRO A 338 -11.08 1.61 -5.32
CA PRO A 338 -9.73 1.40 -5.87
C PRO A 338 -9.65 1.78 -7.34
N ALA A 339 -10.69 1.49 -8.13
CA ALA A 339 -10.67 1.85 -9.58
C ALA A 339 -10.64 3.37 -9.74
N ARG A 340 -11.47 4.08 -9.00
CA ARG A 340 -11.53 5.57 -9.08
CA ARG A 340 -11.52 5.57 -9.12
C ARG A 340 -10.19 6.16 -8.62
N PHE A 341 -9.63 5.57 -7.58
CA PHE A 341 -8.38 6.11 -6.97
C PHE A 341 -7.20 5.89 -7.90
N LEU A 342 -7.12 4.69 -8.48
CA LEU A 342 -5.91 4.31 -9.28
C LEU A 342 -5.96 4.91 -10.68
N SER A 343 -7.16 5.13 -11.22
CA SER A 343 -7.25 5.62 -12.62
C SER A 343 -6.60 7.00 -12.71
N PRO A 344 -5.56 7.26 -13.53
CA PRO A 344 -4.87 8.54 -13.46
C PRO A 344 -5.78 9.74 -13.75
N THR A 345 -5.62 10.76 -12.91
CA THR A 345 -6.41 12.01 -12.99
C THR A 345 -5.80 13.01 -12.00
N LEU A 346 -6.08 14.29 -12.18
CA LEU A 346 -5.69 15.27 -11.13
C LEU A 346 -6.75 15.37 -10.03
N ARG A 347 -7.96 14.89 -10.30
CA ARG A 347 -9.07 15.03 -9.35
C ARG A 347 -10.02 13.84 -9.55
N ALA A 348 -10.13 13.02 -8.50
CA ALA A 348 -10.94 11.77 -8.53
C ALA A 348 -12.14 11.93 -7.61
C1 5ZG B . 6.69 -2.32 8.36
C2 5ZG B . 6.96 -1.26 9.22
C3 5ZG B . 8.23 -1.06 9.71
C4 5ZG B . 9.28 -1.92 9.44
C5 5ZG B . 9.01 -2.98 8.59
C6 5ZG B . 7.74 -3.19 8.08
C7 5ZG B . 5.31 -2.56 7.79
C8 5ZG B . 10.67 -1.68 9.99
C9 5ZG B . 7.09 -2.28 4.52
C10 5ZG B . 7.64 -3.59 4.14
P 5ZG B . 5.09 -1.73 6.22
O1 5ZG B . 5.98 -2.64 5.30
O2 5ZG B . 5.53 -0.25 6.45
O3 5ZG B . 3.74 -1.85 5.63
C FMT C . 4.37 0.92 3.19
O1 FMT C . 4.08 1.48 4.26
O2 FMT C . 4.48 -0.36 3.12
ZN ZN D . 3.19 -1.90 3.73
ZN ZN E . 4.15 1.09 6.11
S SO4 F . 2.13 -21.45 2.18
O1 SO4 F . 1.96 -20.07 2.57
O2 SO4 F . 1.51 -21.68 0.91
O3 SO4 F . 3.55 -21.75 2.07
O4 SO4 F . 1.55 -22.29 3.19
S SO4 G . 16.93 12.40 6.79
O1 SO4 G . 16.58 13.87 6.71
O2 SO4 G . 15.69 11.51 6.68
O3 SO4 G . 17.85 12.04 5.74
O4 SO4 G . 17.56 12.18 8.08
S SO4 H . -10.71 -14.53 15.92
O1 SO4 H . -10.84 -13.46 16.88
O2 SO4 H . -11.86 -14.58 15.07
O3 SO4 H . -9.53 -14.33 15.11
O4 SO4 H . -10.58 -15.78 16.63
C1 GOL I . 13.26 -0.37 -20.69
O1 GOL I . 12.06 -0.11 -21.44
C2 GOL I . 13.84 0.89 -20.10
O2 GOL I . 15.18 0.62 -19.68
C3 GOL I . 13.00 1.45 -18.96
O3 GOL I . 12.76 0.50 -17.92
C1 GOL J . 15.61 -5.82 -8.58
O1 GOL J . 16.35 -5.78 -9.80
C2 GOL J . 16.38 -5.23 -7.42
O2 GOL J . 17.64 -5.85 -7.13
C3 GOL J . 15.56 -5.21 -6.14
O3 GOL J . 16.12 -4.28 -5.22
C1 GOL K . 24.13 -19.63 1.72
O1 GOL K . 25.43 -19.31 1.27
C2 GOL K . 24.04 -21.06 2.23
O2 GOL K . 23.92 -21.08 3.64
C3 GOL K . 22.90 -21.87 1.69
O3 GOL K . 22.86 -21.87 0.27
#